data_1GQ8
#
_entry.id   1GQ8
#
_cell.length_a   77.690
_cell.length_b   89.410
_cell.length_c   49.500
_cell.angle_alpha   90.00
_cell.angle_beta   90.00
_cell.angle_gamma   90.00
#
_symmetry.space_group_name_H-M   'P 21 21 2'
#
loop_
_entity.id
_entity.type
_entity.pdbx_description
1 polymer PECTINESTERASE
2 non-polymer 'CACODYLATE ION'
3 water water
#
_entity_poly.entity_id   1
_entity_poly.type   'polypeptide(L)'
_entity_poly.pdbx_seq_one_letter_code
;(PCA)SSTVGPNVVVAADGSGDYKTVSEAVAAAPEDSKTRYVIRIKAGVYRENVDVPKKKKNIMFLGDGRTSTIITASKN
VQDGSTTFNSATVAAVGAGFLARDITFQNTAGAAKHQAVALRVGSDLSAFYRCDILAYQDSLYVHSNRQFFINCFIAGTV
DFIFGNAAVVLQDCDIHARRPGSGQKNMVTAQGRTDPNQNTGIVIQKSRIGATSDLQPVQSSFPTYLGRPWKEYSRTVVM
QSSITNVINPAGWFPWDGNFALDTLYYGEYQNTGAGAATSGRVTWKGFKVITSSTEAQGFTPGSFIAGGSWLKATTFPFS
LGL
;
_entity_poly.pdbx_strand_id   A
#
loop_
_chem_comp.id
_chem_comp.type
_chem_comp.name
_chem_comp.formula
CAC non-polymer 'CACODYLATE ION' 'C2 H6 As O2 -1'
#
# COMPACT_ATOMS: atom_id res chain seq x y z
N PCA A 1 -15.71 2.59 -26.48
CA PCA A 1 -16.88 2.08 -27.11
CB PCA A 1 -16.36 0.93 -27.98
CG PCA A 1 -14.89 0.90 -27.72
CD PCA A 1 -14.61 2.02 -26.75
OE PCA A 1 -13.52 2.35 -26.27
C PCA A 1 -17.96 1.62 -26.13
O PCA A 1 -19.04 1.21 -26.54
N SER A 2 -17.88 1.75 -24.77
CA SER A 2 -18.85 1.43 -23.72
C SER A 2 -18.62 2.26 -22.46
N SER A 3 -19.65 2.35 -21.64
CA SER A 3 -19.60 3.12 -20.41
C SER A 3 -20.19 2.37 -19.21
N THR A 4 -19.33 2.03 -18.24
CA THR A 4 -19.77 1.34 -17.02
C THR A 4 -20.03 2.41 -15.97
N VAL A 5 -18.99 2.80 -15.24
CA VAL A 5 -19.11 3.86 -14.23
C VAL A 5 -19.00 5.17 -15.02
N GLY A 6 -20.01 6.03 -14.91
CA GLY A 6 -20.01 7.29 -15.63
C GLY A 6 -18.68 7.99 -15.86
N PRO A 7 -18.17 8.00 -17.11
CA PRO A 7 -16.89 8.63 -17.51
C PRO A 7 -16.99 10.08 -17.99
N ASN A 8 -16.26 10.99 -17.33
CA ASN A 8 -16.29 12.41 -17.68
C ASN A 8 -15.34 12.78 -18.82
N VAL A 9 -14.28 11.99 -18.98
CA VAL A 9 -13.25 12.28 -20.00
C VAL A 9 -12.40 11.03 -20.31
N VAL A 10 -11.77 11.01 -21.49
CA VAL A 10 -10.93 9.89 -21.92
C VAL A 10 -9.47 10.27 -22.20
N VAL A 11 -8.55 9.51 -21.61
CA VAL A 11 -7.10 9.71 -21.80
C VAL A 11 -6.55 8.56 -22.65
N ALA A 12 -5.78 8.88 -23.68
CA ALA A 12 -5.20 7.84 -24.53
C ALA A 12 -3.85 8.21 -25.13
N ALA A 13 -2.83 7.41 -24.82
CA ALA A 13 -1.48 7.66 -25.33
C ALA A 13 -1.39 7.58 -26.85
N ASP A 14 -2.28 6.82 -27.49
CA ASP A 14 -2.25 6.71 -28.95
C ASP A 14 -2.94 7.85 -29.70
N GLY A 15 -3.46 8.82 -28.96
CA GLY A 15 -4.10 9.98 -29.58
C GLY A 15 -5.56 9.84 -29.99
N SER A 16 -6.19 8.73 -29.66
CA SER A 16 -7.59 8.50 -30.03
C SER A 16 -8.61 9.03 -29.03
N GLY A 17 -8.14 9.62 -27.94
CA GLY A 17 -9.05 10.14 -26.93
C GLY A 17 -9.13 11.65 -26.85
N ASP A 18 -9.51 12.17 -25.68
CA ASP A 18 -9.64 13.61 -25.47
C ASP A 18 -8.29 14.30 -25.16
N TYR A 19 -7.43 13.65 -24.39
CA TYR A 19 -6.11 14.18 -24.02
C TYR A 19 -5.07 13.04 -24.04
N LYS A 20 -3.81 13.38 -24.25
CA LYS A 20 -2.75 12.36 -24.30
C LYS A 20 -2.14 11.97 -22.94
N THR A 21 -2.24 12.84 -21.94
CA THR A 21 -1.67 12.54 -20.63
C THR A 21 -2.70 12.52 -19.48
N VAL A 22 -2.35 11.82 -18.40
CA VAL A 22 -3.23 11.72 -17.24
C VAL A 22 -3.30 13.07 -16.52
N SER A 23 -2.18 13.79 -16.48
CA SER A 23 -2.14 15.10 -15.81
C SER A 23 -3.14 16.10 -16.41
N GLU A 24 -3.35 16.04 -17.73
CA GLU A 24 -4.30 16.95 -18.37
C GLU A 24 -5.73 16.72 -17.86
N ALA A 25 -6.10 15.45 -17.69
CA ALA A 25 -7.44 15.10 -17.21
C ALA A 25 -7.71 15.58 -15.78
N VAL A 26 -6.69 15.50 -14.92
CA VAL A 26 -6.85 15.95 -13.54
C VAL A 26 -7.01 17.47 -13.51
N ALA A 27 -6.29 18.16 -14.40
CA ALA A 27 -6.38 19.62 -14.47
C ALA A 27 -7.77 20.11 -14.92
N ALA A 28 -8.45 19.29 -15.73
CA ALA A 28 -9.78 19.64 -16.25
C ALA A 28 -10.91 19.48 -15.23
N ALA A 29 -10.70 18.65 -14.21
CA ALA A 29 -11.73 18.42 -13.20
C ALA A 29 -11.98 19.64 -12.31
N PRO A 30 -13.25 20.00 -12.09
CA PRO A 30 -13.57 21.16 -11.25
C PRO A 30 -13.33 20.89 -9.76
N GLU A 31 -13.08 21.94 -8.98
CA GLU A 31 -12.82 21.84 -7.55
C GLU A 31 -14.10 21.80 -6.71
N ASP A 32 -13.97 21.31 -5.47
CA ASP A 32 -15.08 21.24 -4.53
C ASP A 32 -16.36 20.57 -5.06
N SER A 33 -16.22 19.49 -5.81
CA SER A 33 -17.38 18.81 -6.37
C SER A 33 -18.01 17.77 -5.45
N LYS A 34 -19.34 17.76 -5.40
CA LYS A 34 -20.07 16.82 -4.56
C LYS A 34 -20.31 15.48 -5.25
N THR A 35 -20.12 15.47 -6.58
CA THR A 35 -20.31 14.24 -7.36
C THR A 35 -18.95 13.75 -7.86
N ARG A 36 -18.90 12.48 -8.24
CA ARG A 36 -17.67 11.85 -8.71
C ARG A 36 -17.30 12.22 -10.15
N TYR A 37 -16.00 12.44 -10.39
CA TYR A 37 -15.47 12.77 -11.72
C TYR A 37 -14.59 11.59 -12.14
N VAL A 38 -15.02 10.87 -13.17
CA VAL A 38 -14.32 9.67 -13.64
C VAL A 38 -13.43 9.87 -14.87
N ILE A 39 -12.19 9.40 -14.75
CA ILE A 39 -11.20 9.49 -15.84
C ILE A 39 -10.89 8.11 -16.41
N ARG A 40 -11.26 7.85 -17.66
CA ARG A 40 -10.94 6.56 -18.27
C ARG A 40 -9.55 6.66 -18.90
N ILE A 41 -8.68 5.71 -18.59
CA ILE A 41 -7.31 5.72 -19.11
C ILE A 41 -7.06 4.46 -19.96
N LYS A 42 -6.91 4.63 -21.27
CA LYS A 42 -6.68 3.52 -22.18
C LYS A 42 -5.27 2.92 -22.12
N ALA A 43 -5.13 1.71 -22.65
CA ALA A 43 -3.87 0.98 -22.66
C ALA A 43 -2.67 1.78 -23.20
N GLY A 44 -1.54 1.65 -22.52
CA GLY A 44 -0.32 2.34 -22.90
C GLY A 44 0.61 2.63 -21.72
N VAL A 45 1.76 3.24 -22.00
CA VAL A 45 2.73 3.60 -20.95
C VAL A 45 2.81 5.12 -20.84
N TYR A 46 2.58 5.65 -19.64
CA TYR A 46 2.60 7.09 -19.41
C TYR A 46 3.76 7.55 -18.53
N ARG A 47 4.76 8.19 -19.14
CA ARG A 47 5.93 8.69 -18.43
C ARG A 47 5.69 10.09 -17.87
N GLU A 48 5.18 10.16 -16.64
CA GLU A 48 4.88 11.45 -16.01
C GLU A 48 4.64 11.29 -14.50
N ASN A 49 4.82 12.37 -13.75
CA ASN A 49 4.54 12.38 -12.32
C ASN A 49 3.15 13.04 -12.24
N VAL A 50 2.23 12.47 -11.46
CA VAL A 50 0.89 13.03 -11.36
C VAL A 50 0.54 13.45 -9.94
N ASP A 51 -0.12 14.60 -9.80
CA ASP A 51 -0.52 15.11 -8.49
C ASP A 51 -2.02 15.42 -8.46
N VAL A 52 -2.71 14.96 -7.41
CA VAL A 52 -4.14 15.21 -7.22
C VAL A 52 -4.22 15.97 -5.88
N PRO A 53 -4.19 17.31 -5.93
CA PRO A 53 -4.23 18.17 -4.74
C PRO A 53 -5.50 18.20 -3.87
N LYS A 54 -5.38 18.83 -2.70
CA LYS A 54 -6.47 18.90 -1.73
C LYS A 54 -7.84 19.41 -2.19
N LYS A 55 -7.88 20.32 -3.15
CA LYS A 55 -9.16 20.85 -3.62
C LYS A 55 -9.85 20.00 -4.70
N LYS A 56 -9.13 19.01 -5.25
CA LYS A 56 -9.71 18.13 -6.26
C LYS A 56 -10.22 16.86 -5.55
N LYS A 57 -11.47 16.92 -5.09
CA LYS A 57 -12.09 15.82 -4.37
C LYS A 57 -12.95 14.88 -5.23
N ASN A 58 -13.09 13.64 -4.76
CA ASN A 58 -13.89 12.62 -5.43
C ASN A 58 -13.50 12.30 -6.87
N ILE A 59 -12.19 12.18 -7.13
CA ILE A 59 -11.68 11.84 -8.46
C ILE A 59 -11.43 10.33 -8.56
N MET A 60 -11.76 9.74 -9.71
CA MET A 60 -11.55 8.29 -9.93
C MET A 60 -10.76 7.97 -11.19
N PHE A 61 -9.76 7.09 -11.07
CA PHE A 61 -8.94 6.63 -12.19
C PHE A 61 -9.50 5.27 -12.61
N LEU A 62 -9.87 5.12 -13.88
CA LEU A 62 -10.41 3.85 -14.37
C LEU A 62 -9.61 3.36 -15.58
N GLY A 63 -8.64 2.48 -15.34
CA GLY A 63 -7.82 1.96 -16.42
C GLY A 63 -8.43 0.80 -17.19
N ASP A 64 -7.78 0.39 -18.27
CA ASP A 64 -8.28 -0.72 -19.08
C ASP A 64 -7.71 -2.08 -18.67
N GLY A 65 -6.90 -2.10 -17.62
CA GLY A 65 -6.31 -3.34 -17.15
C GLY A 65 -4.99 -3.17 -16.43
N ARG A 66 -4.84 -3.82 -15.28
CA ARG A 66 -3.62 -3.71 -14.48
C ARG A 66 -2.34 -4.07 -15.26
N THR A 67 -2.46 -4.99 -16.20
CA THR A 67 -1.32 -5.44 -17.00
C THR A 67 -0.95 -4.53 -18.17
N SER A 68 -1.91 -3.76 -18.67
CA SER A 68 -1.69 -2.93 -19.85
C SER A 68 -1.70 -1.40 -19.71
N THR A 69 -2.05 -0.89 -18.53
CA THR A 69 -2.12 0.56 -18.31
C THR A 69 -1.10 0.91 -17.22
N ILE A 70 0.00 1.55 -17.61
CA ILE A 70 1.11 1.87 -16.69
C ILE A 70 1.50 3.35 -16.55
N ILE A 71 1.60 3.84 -15.31
CA ILE A 71 2.06 5.23 -15.05
C ILE A 71 3.44 5.04 -14.40
N THR A 72 4.48 5.61 -15.01
CA THR A 72 5.86 5.41 -14.54
C THR A 72 6.78 6.65 -14.47
N ALA A 73 7.75 6.61 -13.55
CA ALA A 73 8.75 7.67 -13.34
C ALA A 73 9.90 7.11 -12.45
N SER A 74 10.93 7.92 -12.17
CA SER A 74 12.06 7.44 -11.36
C SER A 74 12.75 8.45 -10.40
N LYS A 75 11.99 9.33 -9.76
CA LYS A 75 12.59 10.29 -8.83
C LYS A 75 13.07 9.53 -7.59
N ASN A 76 14.19 9.96 -7.00
CA ASN A 76 14.74 9.28 -5.82
C ASN A 76 15.61 10.18 -4.93
N VAL A 77 15.90 9.70 -3.71
CA VAL A 77 16.70 10.46 -2.74
C VAL A 77 18.20 10.51 -3.08
N GLN A 78 18.73 9.42 -3.61
CA GLN A 78 20.15 9.38 -3.96
C GLN A 78 20.51 10.48 -4.96
N ASP A 79 19.56 10.82 -5.84
CA ASP A 79 19.79 11.85 -6.85
C ASP A 79 19.38 13.27 -6.45
N GLY A 80 18.80 13.44 -5.27
CA GLY A 80 18.43 14.79 -4.85
C GLY A 80 17.02 15.15 -4.42
N SER A 81 16.07 14.21 -4.55
CA SER A 81 14.69 14.48 -4.15
C SER A 81 14.48 14.08 -2.70
N THR A 82 13.36 14.52 -2.10
CA THR A 82 13.05 14.12 -0.72
C THR A 82 12.14 12.90 -0.84
N THR A 83 11.99 12.13 0.23
CA THR A 83 11.13 10.94 0.19
C THR A 83 9.70 11.32 -0.21
N PHE A 84 9.17 12.34 0.43
CA PHE A 84 7.81 12.83 0.17
C PHE A 84 7.59 13.24 -1.29
N ASN A 85 8.56 13.95 -1.87
CA ASN A 85 8.45 14.42 -3.26
C ASN A 85 8.84 13.42 -4.36
N SER A 86 9.30 12.23 -3.98
CA SER A 86 9.73 11.24 -4.98
C SER A 86 8.63 10.39 -5.61
N ALA A 87 7.41 10.50 -5.10
CA ALA A 87 6.28 9.71 -5.59
C ALA A 87 5.89 9.90 -7.06
N THR A 88 5.70 8.79 -7.78
CA THR A 88 5.29 8.84 -9.19
C THR A 88 3.86 9.41 -9.25
N VAL A 89 3.00 8.95 -8.34
CA VAL A 89 1.62 9.44 -8.24
C VAL A 89 1.33 9.80 -6.79
N ALA A 90 0.78 10.99 -6.57
CA ALA A 90 0.43 11.46 -5.23
C ALA A 90 -1.05 11.84 -5.15
N ALA A 91 -1.81 11.08 -4.36
CA ALA A 91 -3.24 11.32 -4.21
C ALA A 91 -3.56 11.93 -2.86
N VAL A 92 -3.94 13.21 -2.86
CA VAL A 92 -4.24 13.93 -1.62
C VAL A 92 -5.72 14.34 -1.44
N GLY A 93 -6.35 14.82 -2.51
CA GLY A 93 -7.75 15.22 -2.41
C GLY A 93 -8.65 14.12 -1.88
N ALA A 94 -9.52 14.46 -0.92
CA ALA A 94 -10.43 13.49 -0.31
C ALA A 94 -11.30 12.67 -1.25
N GLY A 95 -11.50 11.39 -0.90
CA GLY A 95 -12.34 10.50 -1.69
C GLY A 95 -11.79 9.95 -2.99
N PHE A 96 -10.47 9.79 -3.09
CA PHE A 96 -9.84 9.28 -4.31
C PHE A 96 -10.06 7.78 -4.51
N LEU A 97 -10.33 7.36 -5.76
CA LEU A 97 -10.55 5.95 -6.11
C LEU A 97 -9.73 5.56 -7.35
N ALA A 98 -9.33 4.29 -7.45
CA ALA A 98 -8.59 3.81 -8.61
C ALA A 98 -8.74 2.29 -8.82
N ARG A 99 -8.86 1.85 -10.07
CA ARG A 99 -8.97 0.41 -10.38
C ARG A 99 -8.39 0.04 -11.76
N ASP A 100 -7.91 -1.20 -11.86
CA ASP A 100 -7.33 -1.74 -13.10
C ASP A 100 -6.18 -0.93 -13.70
N ILE A 101 -5.15 -0.64 -12.90
CA ILE A 101 -4.01 0.16 -13.37
C ILE A 101 -2.73 -0.09 -12.54
N THR A 102 -1.57 0.27 -13.08
CA THR A 102 -0.29 0.10 -12.40
C THR A 102 0.42 1.43 -12.08
N PHE A 103 0.98 1.53 -10.87
CA PHE A 103 1.75 2.71 -10.43
C PHE A 103 3.17 2.15 -10.14
N GLN A 104 4.19 2.69 -10.78
N GLN A 104 4.20 2.69 -10.77
CA GLN A 104 5.56 2.17 -10.60
CA GLN A 104 5.56 2.19 -10.54
C GLN A 104 6.69 3.22 -10.58
C GLN A 104 6.66 3.24 -10.51
N ASN A 105 7.78 2.90 -9.88
CA ASN A 105 8.96 3.76 -9.78
C ASN A 105 10.13 2.84 -10.18
N THR A 106 10.87 3.20 -11.23
CA THR A 106 11.97 2.39 -11.74
C THR A 106 13.40 2.75 -11.33
N ALA A 107 13.57 3.55 -10.28
CA ALA A 107 14.89 3.97 -9.82
C ALA A 107 15.86 2.81 -9.51
N GLY A 108 15.38 1.80 -8.79
CA GLY A 108 16.23 0.66 -8.46
C GLY A 108 16.72 0.65 -7.02
N ALA A 109 17.22 -0.50 -6.58
CA ALA A 109 17.70 -0.67 -5.22
C ALA A 109 18.83 0.27 -4.79
N ALA A 110 19.77 0.54 -5.70
CA ALA A 110 20.91 1.40 -5.41
C ALA A 110 20.60 2.89 -5.22
N LYS A 111 19.36 3.30 -5.50
CA LYS A 111 18.97 4.71 -5.37
C LYS A 111 18.25 5.07 -4.08
N HIS A 112 18.14 4.12 -3.16
CA HIS A 112 17.48 4.34 -1.87
C HIS A 112 15.99 4.70 -2.01
N GLN A 113 15.48 5.54 -1.11
CA GLN A 113 14.05 5.90 -1.13
C GLN A 113 13.52 6.41 -2.49
N ALA A 114 12.54 5.70 -3.03
CA ALA A 114 11.92 6.05 -4.33
C ALA A 114 10.48 5.50 -4.36
N VAL A 115 9.53 6.37 -4.04
CA VAL A 115 8.11 6.03 -3.96
C VAL A 115 7.32 5.85 -5.26
N ALA A 116 6.46 4.83 -5.30
CA ALA A 116 5.60 4.58 -6.46
C ALA A 116 4.25 5.29 -6.25
N LEU A 117 3.64 5.12 -5.08
CA LEU A 117 2.35 5.76 -4.76
C LEU A 117 2.30 6.30 -3.33
N ARG A 118 1.93 7.57 -3.19
CA ARG A 118 1.78 8.21 -1.87
C ARG A 118 0.30 8.62 -1.73
N VAL A 119 -0.32 8.24 -0.61
CA VAL A 119 -1.73 8.56 -0.36
C VAL A 119 -1.97 9.34 0.94
N GLY A 120 -2.69 10.45 0.82
CA GLY A 120 -3.04 11.28 1.98
C GLY A 120 -4.50 11.69 1.94
N SER A 121 -5.28 10.93 1.17
CA SER A 121 -6.72 11.15 0.97
C SER A 121 -7.62 10.36 1.94
N ASP A 122 -8.51 11.05 2.65
CA ASP A 122 -9.42 10.39 3.60
C ASP A 122 -10.57 9.72 2.83
N LEU A 123 -10.86 8.47 3.19
CA LEU A 123 -11.91 7.67 2.55
C LEU A 123 -11.56 7.34 1.09
N SER A 124 -10.35 6.85 0.87
CA SER A 124 -9.88 6.47 -0.47
C SER A 124 -9.80 4.94 -0.60
N ALA A 125 -9.95 4.41 -1.82
CA ALA A 125 -9.90 2.96 -2.04
C ALA A 125 -9.27 2.57 -3.38
N PHE A 126 -8.67 1.38 -3.41
CA PHE A 126 -7.97 0.84 -4.58
C PHE A 126 -8.31 -0.63 -4.84
N TYR A 127 -8.73 -0.93 -6.07
CA TYR A 127 -9.14 -2.28 -6.48
C TYR A 127 -8.43 -2.77 -7.76
N ARG A 128 -7.81 -3.95 -7.68
CA ARG A 128 -7.10 -4.53 -8.81
C ARG A 128 -6.02 -3.61 -9.40
N CYS A 129 -5.17 -3.08 -8.52
CA CYS A 129 -4.07 -2.20 -8.91
C CYS A 129 -2.75 -2.88 -8.54
N ASP A 130 -1.68 -2.56 -9.27
CA ASP A 130 -0.35 -3.10 -8.99
C ASP A 130 0.51 -1.89 -8.57
N ILE A 131 1.26 -2.02 -7.48
CA ILE A 131 2.15 -0.96 -7.00
C ILE A 131 3.55 -1.59 -6.91
N LEU A 132 4.46 -1.16 -7.80
CA LEU A 132 5.79 -1.74 -7.89
C LEU A 132 7.01 -0.81 -7.74
N ALA A 133 7.96 -1.22 -6.89
CA ALA A 133 9.21 -0.47 -6.64
C ALA A 133 10.16 -1.28 -5.76
N TYR A 134 11.14 -0.61 -5.13
CA TYR A 134 12.10 -1.28 -4.24
C TYR A 134 11.98 -0.70 -2.81
N GLN A 135 12.84 0.25 -2.43
CA GLN A 135 12.73 0.82 -1.08
C GLN A 135 11.59 1.87 -1.03
N ASP A 136 10.70 1.74 -0.05
CA ASP A 136 9.57 2.67 0.14
C ASP A 136 8.51 2.69 -0.98
N SER A 137 8.15 1.53 -1.51
CA SER A 137 7.16 1.46 -2.60
C SER A 137 5.82 2.18 -2.35
N LEU A 138 5.16 1.85 -1.24
CA LEU A 138 3.86 2.41 -0.90
C LEU A 138 3.85 3.28 0.37
N TYR A 139 3.67 4.59 0.19
CA TYR A 139 3.66 5.54 1.31
C TYR A 139 2.21 5.80 1.78
N VAL A 140 1.74 5.04 2.76
CA VAL A 140 0.39 5.26 3.30
C VAL A 140 0.58 6.34 4.37
N HIS A 141 0.71 7.57 3.88
CA HIS A 141 0.98 8.77 4.67
C HIS A 141 0.00 9.20 5.78
N SER A 142 -1.26 9.41 5.43
CA SER A 142 -2.26 9.84 6.42
C SER A 142 -3.72 9.58 6.04
N ASN A 143 -4.59 9.63 7.04
CA ASN A 143 -6.04 9.44 6.93
C ASN A 143 -6.49 7.98 6.64
N ARG A 144 -7.79 7.75 6.46
CA ARG A 144 -8.36 6.40 6.25
C ARG A 144 -8.34 5.83 4.82
N GLN A 145 -7.75 4.64 4.67
CA GLN A 145 -7.58 3.98 3.35
C GLN A 145 -7.95 2.47 3.30
N PHE A 146 -8.32 1.97 2.10
CA PHE A 146 -8.68 0.56 1.90
C PHE A 146 -8.15 -0.01 0.56
N PHE A 147 -7.43 -1.13 0.62
CA PHE A 147 -6.87 -1.80 -0.58
C PHE A 147 -7.45 -3.22 -0.70
N ILE A 148 -8.06 -3.53 -1.84
CA ILE A 148 -8.66 -4.86 -2.08
C ILE A 148 -8.22 -5.50 -3.41
N ASN A 149 -7.77 -6.75 -3.34
N ASN A 149 -7.75 -6.74 -3.32
CA ASN A 149 -7.29 -7.50 -4.47
CA ASN A 149 -7.33 -7.46 -4.55
C ASN A 149 -6.22 -6.71 -5.29
C ASN A 149 -6.21 -6.76 -5.27
N CYS A 150 -5.24 -6.19 -4.55
CA CYS A 150 -4.13 -5.46 -5.16
C CYS A 150 -2.84 -6.28 -4.99
N PHE A 151 -1.84 -5.98 -5.80
CA PHE A 151 -0.53 -6.64 -5.74
C PHE A 151 0.53 -5.58 -5.42
N ILE A 152 1.26 -5.76 -4.33
CA ILE A 152 2.30 -4.81 -3.88
C ILE A 152 3.66 -5.50 -3.76
N ALA A 153 4.69 -4.93 -4.38
CA ALA A 153 6.05 -5.51 -4.32
C ALA A 153 7.12 -4.48 -3.93
N GLY A 154 8.12 -4.92 -3.17
CA GLY A 154 9.20 -4.03 -2.73
C GLY A 154 10.28 -4.73 -1.91
N THR A 155 11.18 -3.97 -1.30
CA THR A 155 12.26 -4.53 -0.48
C THR A 155 12.34 -3.96 0.95
N VAL A 156 12.99 -2.81 1.11
CA VAL A 156 13.16 -2.16 2.42
C VAL A 156 12.02 -1.20 2.81
N ASP A 157 11.31 -1.51 3.90
CA ASP A 157 10.19 -0.69 4.39
C ASP A 157 9.19 -0.35 3.27
N PHE A 158 8.76 -1.34 2.48
CA PHE A 158 7.88 -1.00 1.36
C PHE A 158 6.40 -0.64 1.56
N ILE A 159 5.91 -0.70 2.79
CA ILE A 159 4.55 -0.24 3.13
C ILE A 159 4.82 0.55 4.42
N PHE A 160 4.81 1.88 4.34
CA PHE A 160 5.13 2.72 5.52
C PHE A 160 4.33 4.02 5.67
N GLY A 161 4.33 4.59 6.87
CA GLY A 161 3.60 5.83 7.10
C GLY A 161 2.71 5.82 8.34
N ASN A 162 1.83 6.82 8.47
CA ASN A 162 0.95 6.90 9.64
C ASN A 162 -0.56 7.03 9.35
N ALA A 163 -1.04 6.31 8.34
CA ALA A 163 -2.46 6.33 8.01
C ALA A 163 -3.15 5.21 8.78
N ALA A 164 -4.47 5.13 8.67
CA ALA A 164 -5.26 4.04 9.28
C ALA A 164 -5.67 3.26 8.02
N VAL A 165 -5.01 2.14 7.77
CA VAL A 165 -5.27 1.36 6.56
C VAL A 165 -5.43 -0.15 6.72
N VAL A 166 -6.30 -0.73 5.90
CA VAL A 166 -6.54 -2.17 5.88
C VAL A 166 -6.34 -2.68 4.46
N LEU A 167 -5.50 -3.72 4.29
CA LEU A 167 -5.27 -4.33 2.99
C LEU A 167 -5.90 -5.73 3.08
N GLN A 168 -6.98 -5.94 2.34
CA GLN A 168 -7.76 -7.18 2.35
C GLN A 168 -7.68 -8.00 1.05
N ASP A 169 -7.47 -9.31 1.16
CA ASP A 169 -7.39 -10.20 0.01
C ASP A 169 -6.38 -9.71 -1.05
N CYS A 170 -5.20 -9.31 -0.57
CA CYS A 170 -4.13 -8.81 -1.42
C CYS A 170 -2.96 -9.80 -1.53
N ASP A 171 -2.09 -9.56 -2.51
CA ASP A 171 -0.88 -10.37 -2.73
C ASP A 171 0.29 -9.42 -2.45
N ILE A 172 1.10 -9.78 -1.45
CA ILE A 172 2.24 -8.96 -1.04
C ILE A 172 3.55 -9.77 -1.15
N HIS A 173 4.42 -9.38 -2.08
CA HIS A 173 5.68 -10.10 -2.32
C HIS A 173 6.97 -9.28 -2.17
N ALA A 174 7.95 -9.83 -1.45
CA ALA A 174 9.24 -9.18 -1.31
C ALA A 174 10.09 -9.62 -2.52
N ARG A 175 10.96 -8.75 -3.01
CA ARG A 175 11.82 -9.09 -4.15
C ARG A 175 13.28 -9.10 -3.75
N ARG A 176 14.17 -9.46 -4.68
N ARG A 176 14.17 -9.46 -4.68
CA ARG A 176 15.61 -9.50 -4.38
CA ARG A 176 15.60 -9.49 -4.39
C ARG A 176 16.21 -8.10 -4.31
C ARG A 176 16.21 -8.10 -4.31
N PRO A 177 16.82 -7.75 -3.16
CA PRO A 177 17.45 -6.44 -2.94
C PRO A 177 18.93 -6.40 -3.32
N GLY A 178 19.61 -5.35 -2.85
CA GLY A 178 21.03 -5.20 -3.12
C GLY A 178 21.88 -6.01 -2.15
N SER A 179 23.14 -6.21 -2.51
CA SER A 179 24.06 -6.99 -1.68
C SER A 179 24.11 -6.52 -0.23
N GLY A 180 23.90 -7.45 0.69
CA GLY A 180 23.95 -7.13 2.11
C GLY A 180 22.71 -6.51 2.75
N GLN A 181 21.67 -6.29 1.96
CA GLN A 181 20.43 -5.69 2.48
C GLN A 181 19.46 -6.70 3.07
N LYS A 182 18.57 -6.22 3.93
CA LYS A 182 17.53 -7.04 4.56
C LYS A 182 16.16 -6.40 4.28
N ASN A 183 15.19 -7.20 3.85
CA ASN A 183 13.85 -6.71 3.53
C ASN A 183 12.95 -6.55 4.77
N MET A 184 12.07 -5.54 4.74
CA MET A 184 11.12 -5.27 5.82
C MET A 184 9.77 -4.94 5.16
N VAL A 185 8.75 -5.78 5.34
CA VAL A 185 7.45 -5.53 4.71
C VAL A 185 6.77 -4.22 5.16
N THR A 186 6.82 -3.90 6.46
CA THR A 186 6.20 -2.68 6.98
C THR A 186 7.10 -1.84 7.90
N ALA A 187 6.76 -0.56 8.02
CA ALA A 187 7.45 0.40 8.89
C ALA A 187 6.41 1.44 9.32
N GLN A 188 5.58 1.07 10.30
CA GLN A 188 4.50 1.94 10.80
C GLN A 188 5.00 3.05 11.74
N GLY A 189 4.53 4.28 11.49
CA GLY A 189 5.00 5.41 12.29
C GLY A 189 4.12 6.18 13.26
N ARG A 190 3.35 5.49 14.11
CA ARG A 190 2.50 6.18 15.08
C ARG A 190 3.39 6.74 16.21
N THR A 191 3.23 8.02 16.52
CA THR A 191 4.05 8.68 17.55
C THR A 191 3.37 8.98 18.89
N ASP A 192 2.07 8.76 18.99
CA ASP A 192 1.31 9.02 20.21
C ASP A 192 0.24 7.95 20.42
N PRO A 193 0.08 7.45 21.66
CA PRO A 193 -0.92 6.42 21.99
C PRO A 193 -2.39 6.78 21.75
N ASN A 194 -2.68 8.07 21.57
CA ASN A 194 -4.05 8.48 21.34
C ASN A 194 -4.38 8.67 19.86
N GLN A 195 -3.41 8.42 18.98
CA GLN A 195 -3.63 8.52 17.53
C GLN A 195 -4.31 7.22 17.10
N ASN A 196 -5.34 7.32 16.26
CA ASN A 196 -6.09 6.15 15.82
C ASN A 196 -5.56 5.55 14.50
N THR A 197 -4.26 5.32 14.43
CA THR A 197 -3.63 4.81 13.21
C THR A 197 -2.98 3.42 13.30
N GLY A 198 -2.58 2.89 12.15
CA GLY A 198 -1.94 1.57 12.08
C GLY A 198 -2.10 0.85 10.75
N ILE A 199 -1.31 -0.22 10.54
CA ILE A 199 -1.37 -1.02 9.30
C ILE A 199 -1.93 -2.43 9.59
N VAL A 200 -2.98 -2.82 8.87
CA VAL A 200 -3.61 -4.13 9.04
C VAL A 200 -3.64 -4.94 7.74
N ILE A 201 -3.12 -6.17 7.79
CA ILE A 201 -3.10 -7.08 6.64
C ILE A 201 -4.05 -8.24 7.00
N GLN A 202 -5.17 -8.36 6.28
CA GLN A 202 -6.20 -9.38 6.52
C GLN A 202 -6.53 -10.28 5.32
N LYS A 203 -6.66 -11.58 5.58
CA LYS A 203 -7.00 -12.57 4.55
C LYS A 203 -6.20 -12.39 3.26
N SER A 204 -4.89 -12.18 3.40
CA SER A 204 -4.00 -11.96 2.26
C SER A 204 -2.96 -13.08 2.08
N ARG A 205 -2.08 -12.90 1.10
CA ARG A 205 -1.04 -13.88 0.79
C ARG A 205 0.35 -13.21 0.75
N ILE A 206 1.22 -13.55 1.72
CA ILE A 206 2.58 -12.98 1.79
C ILE A 206 3.61 -14.00 1.28
N GLY A 207 4.43 -13.60 0.31
CA GLY A 207 5.44 -14.50 -0.24
C GLY A 207 6.64 -13.84 -0.91
N ALA A 208 7.27 -14.53 -1.85
CA ALA A 208 8.46 -14.01 -2.55
C ALA A 208 8.32 -14.03 -4.08
N THR A 209 9.01 -13.12 -4.75
CA THR A 209 8.98 -13.08 -6.22
C THR A 209 9.88 -14.19 -6.76
N SER A 210 9.85 -14.40 -8.07
CA SER A 210 10.67 -15.46 -8.66
C SER A 210 12.18 -15.24 -8.53
N ASP A 211 12.63 -13.99 -8.45
CA ASP A 211 14.08 -13.77 -8.32
C ASP A 211 14.61 -13.83 -6.89
N LEU A 212 13.70 -13.90 -5.91
CA LEU A 212 14.11 -13.99 -4.51
C LEU A 212 14.02 -15.41 -3.94
N GLN A 213 12.97 -16.12 -4.31
CA GLN A 213 12.73 -17.48 -3.80
C GLN A 213 13.94 -18.42 -3.72
N PRO A 214 14.73 -18.53 -4.81
CA PRO A 214 15.91 -19.40 -4.82
C PRO A 214 17.04 -19.02 -3.86
N VAL A 215 17.08 -17.75 -3.45
CA VAL A 215 18.14 -17.27 -2.56
C VAL A 215 17.67 -16.61 -1.27
N GLN A 216 16.51 -17.04 -0.77
CA GLN A 216 15.96 -16.49 0.47
C GLN A 216 16.97 -16.59 1.62
N SER A 217 17.81 -17.62 1.59
CA SER A 217 18.80 -17.84 2.63
C SER A 217 19.99 -16.87 2.57
N SER A 218 19.96 -15.94 1.61
CA SER A 218 21.03 -14.95 1.47
C SER A 218 20.53 -13.53 1.72
N PHE A 219 19.20 -13.36 1.72
CA PHE A 219 18.58 -12.05 1.93
C PHE A 219 17.37 -12.19 2.88
N PRO A 220 17.60 -12.07 4.21
CA PRO A 220 16.53 -12.19 5.21
C PRO A 220 15.37 -11.21 5.01
N THR A 221 14.15 -11.66 5.33
CA THR A 221 12.95 -10.82 5.21
C THR A 221 12.12 -10.89 6.49
N TYR A 222 11.66 -9.73 6.98
CA TYR A 222 10.84 -9.68 8.20
C TYR A 222 9.50 -8.96 7.94
N LEU A 223 8.53 -9.16 8.82
CA LEU A 223 7.22 -8.51 8.68
C LEU A 223 7.27 -7.00 8.95
N GLY A 224 8.28 -6.53 9.70
CA GLY A 224 8.40 -5.10 9.98
C GLY A 224 9.38 -4.68 11.08
N ARG A 225 9.61 -3.36 11.19
CA ARG A 225 10.48 -2.77 12.23
C ARG A 225 9.83 -1.44 12.69
N PRO A 226 9.94 -1.10 14.00
CA PRO A 226 9.35 0.13 14.56
C PRO A 226 9.99 1.50 14.29
N TRP A 227 9.53 2.15 13.21
CA TRP A 227 10.02 3.48 12.81
C TRP A 227 9.79 4.51 13.91
N LYS A 228 8.61 4.47 14.54
CA LYS A 228 8.29 5.42 15.62
C LYS A 228 7.92 4.70 16.93
N GLU A 229 7.97 5.45 18.03
CA GLU A 229 7.71 4.92 19.38
C GLU A 229 6.46 4.08 19.65
N TYR A 230 5.35 4.39 18.99
CA TYR A 230 4.11 3.64 19.21
C TYR A 230 3.61 2.88 17.98
N SER A 231 4.55 2.37 17.20
CA SER A 231 4.27 1.59 15.99
C SER A 231 3.18 0.52 16.24
N ARG A 232 2.22 0.40 15.32
CA ARG A 232 1.12 -0.58 15.46
C ARG A 232 0.79 -1.29 14.14
N THR A 233 1.06 -2.59 14.08
CA THR A 233 0.83 -3.40 12.88
C THR A 233 0.24 -4.78 13.22
N VAL A 234 -0.74 -5.23 12.43
CA VAL A 234 -1.40 -6.52 12.65
C VAL A 234 -1.52 -7.37 11.37
N VAL A 235 -1.22 -8.67 11.49
CA VAL A 235 -1.33 -9.61 10.36
C VAL A 235 -2.28 -10.72 10.82
N MET A 236 -3.42 -10.88 10.14
CA MET A 236 -4.40 -11.89 10.54
C MET A 236 -5.11 -12.64 9.40
N GLN A 237 -5.51 -13.88 9.67
CA GLN A 237 -6.23 -14.71 8.71
C GLN A 237 -5.54 -14.82 7.35
N SER A 238 -4.21 -14.73 7.35
CA SER A 238 -3.42 -14.77 6.10
C SER A 238 -2.49 -15.98 5.94
N SER A 239 -2.04 -16.23 4.71
CA SER A 239 -1.10 -17.32 4.45
C SER A 239 0.28 -16.68 4.31
N ILE A 240 1.30 -17.30 4.92
CA ILE A 240 2.67 -16.77 4.90
C ILE A 240 3.69 -17.85 4.55
N THR A 241 4.48 -17.66 3.48
CA THR A 241 5.47 -18.67 3.10
C THR A 241 6.73 -18.54 3.98
N ASN A 242 7.68 -19.46 3.81
CA ASN A 242 8.91 -19.42 4.61
C ASN A 242 9.88 -18.29 4.26
N VAL A 243 9.40 -17.29 3.52
CA VAL A 243 10.22 -16.14 3.18
C VAL A 243 10.50 -15.33 4.45
N ILE A 244 9.59 -15.42 5.42
CA ILE A 244 9.72 -14.70 6.69
C ILE A 244 10.57 -15.46 7.72
N ASN A 245 11.64 -14.82 8.20
CA ASN A 245 12.54 -15.41 9.21
C ASN A 245 11.71 -15.72 10.47
N PRO A 246 12.03 -16.83 11.17
CA PRO A 246 11.31 -17.24 12.39
C PRO A 246 11.16 -16.18 13.48
N ALA A 247 12.08 -15.23 13.55
CA ALA A 247 12.02 -14.16 14.55
C ALA A 247 10.79 -13.28 14.31
N GLY A 248 10.36 -13.21 13.05
CA GLY A 248 9.18 -12.44 12.69
C GLY A 248 9.33 -10.94 12.52
N TRP A 249 9.89 -10.27 13.53
CA TRP A 249 10.07 -8.82 13.50
C TRP A 249 11.53 -8.41 13.81
N PHE A 250 11.91 -7.20 13.40
CA PHE A 250 13.28 -6.69 13.55
C PHE A 250 13.39 -5.34 14.29
N PRO A 251 14.42 -5.16 15.13
CA PRO A 251 14.60 -3.91 15.89
C PRO A 251 14.93 -2.69 15.03
N TRP A 252 14.63 -1.49 15.52
CA TRP A 252 14.93 -0.26 14.79
C TRP A 252 16.30 0.28 15.23
N ASP A 253 16.44 0.46 16.54
CA ASP A 253 17.69 0.97 17.12
C ASP A 253 17.78 0.54 18.58
N GLY A 254 18.33 -0.64 18.82
CA GLY A 254 18.44 -1.12 20.18
C GLY A 254 17.10 -1.44 20.82
N ASN A 255 16.88 -0.92 22.02
CA ASN A 255 15.64 -1.16 22.75
C ASN A 255 14.53 -0.14 22.45
N PHE A 256 14.77 0.72 21.45
CA PHE A 256 13.79 1.74 21.07
C PHE A 256 12.42 1.16 20.72
N ALA A 257 11.38 1.63 21.40
CA ALA A 257 9.99 1.23 21.15
C ALA A 257 9.55 -0.19 21.50
N LEU A 258 10.47 -1.06 21.90
CA LEU A 258 10.10 -2.45 22.20
C LEU A 258 9.07 -2.67 23.30
N ASP A 259 8.95 -1.74 24.24
CA ASP A 259 7.99 -1.88 25.33
C ASP A 259 6.65 -1.17 25.08
N THR A 260 6.61 -0.28 24.08
CA THR A 260 5.40 0.47 23.79
C THR A 260 4.69 0.18 22.45
N LEU A 261 5.34 -0.55 21.56
CA LEU A 261 4.73 -0.89 20.27
C LEU A 261 3.67 -1.99 20.45
N TYR A 262 2.88 -2.25 19.41
CA TYR A 262 1.86 -3.30 19.42
C TYR A 262 1.89 -4.02 18.08
N TYR A 263 2.52 -5.21 18.06
CA TYR A 263 2.61 -6.03 16.85
C TYR A 263 1.88 -7.35 17.16
N GLY A 264 0.77 -7.61 16.48
CA GLY A 264 0.00 -8.82 16.75
C GLY A 264 -0.31 -9.74 15.57
N GLU A 265 -0.48 -11.03 15.87
CA GLU A 265 -0.79 -12.06 14.86
C GLU A 265 -1.98 -12.94 15.30
N TYR A 266 -2.97 -13.12 14.41
CA TYR A 266 -4.17 -13.93 14.70
C TYR A 266 -4.52 -14.93 13.57
N GLN A 267 -4.60 -16.20 13.94
CA GLN A 267 -4.96 -17.30 13.03
C GLN A 267 -4.42 -17.30 11.59
N ASN A 268 -3.10 -17.22 11.44
CA ASN A 268 -2.48 -17.24 10.10
C ASN A 268 -2.11 -18.70 9.78
N THR A 269 -1.76 -18.98 8.53
CA THR A 269 -1.37 -20.33 8.13
C THR A 269 -0.13 -20.29 7.22
N GLY A 270 0.51 -21.43 7.01
CA GLY A 270 1.70 -21.48 6.17
C GLY A 270 2.98 -21.73 6.96
N ALA A 271 4.05 -22.10 6.26
CA ALA A 271 5.32 -22.38 6.93
C ALA A 271 5.87 -21.18 7.70
N GLY A 272 5.59 -19.98 7.23
CA GLY A 272 6.09 -18.78 7.90
C GLY A 272 5.21 -18.26 9.03
N ALA A 273 4.09 -18.93 9.28
CA ALA A 273 3.16 -18.51 10.33
C ALA A 273 3.45 -19.06 11.72
N ALA A 274 4.44 -19.95 11.84
CA ALA A 274 4.79 -20.53 13.14
C ALA A 274 5.22 -19.40 14.09
N THR A 275 4.79 -19.47 15.35
CA THR A 275 5.12 -18.43 16.33
C THR A 275 6.08 -18.85 17.45
N SER A 276 6.45 -20.12 17.48
CA SER A 276 7.34 -20.64 18.53
C SER A 276 8.74 -20.04 18.59
N GLY A 277 9.20 -19.40 17.51
CA GLY A 277 10.54 -18.82 17.52
C GLY A 277 10.59 -17.30 17.38
N ARG A 278 9.48 -16.63 17.67
CA ARG A 278 9.36 -15.17 17.56
C ARG A 278 10.12 -14.41 18.65
N VAL A 279 10.34 -13.11 18.43
CA VAL A 279 11.03 -12.25 19.39
C VAL A 279 10.33 -12.26 20.76
N THR A 280 11.06 -11.90 21.81
CA THR A 280 10.52 -11.91 23.17
C THR A 280 9.98 -10.57 23.71
N TRP A 281 9.94 -9.54 22.85
CA TRP A 281 9.49 -8.20 23.25
C TRP A 281 8.13 -8.14 23.96
N LYS A 282 8.01 -7.20 24.90
CA LYS A 282 6.75 -7.00 25.64
C LYS A 282 5.62 -6.62 24.70
N GLY A 283 5.97 -5.86 23.65
CA GLY A 283 4.98 -5.42 22.68
C GLY A 283 4.51 -6.42 21.64
N PHE A 284 5.16 -7.57 21.53
CA PHE A 284 4.72 -8.58 20.56
C PHE A 284 3.70 -9.50 21.21
N LYS A 285 2.69 -9.90 20.45
CA LYS A 285 1.64 -10.76 21.02
C LYS A 285 0.90 -11.67 20.07
N VAL A 286 0.65 -12.91 20.52
CA VAL A 286 -0.13 -13.86 19.74
C VAL A 286 -1.56 -13.67 20.22
N ILE A 287 -2.43 -13.15 19.36
CA ILE A 287 -3.83 -12.90 19.71
C ILE A 287 -4.64 -14.19 19.67
N THR A 288 -5.38 -14.47 20.75
CA THR A 288 -6.22 -15.67 20.82
C THR A 288 -7.71 -15.34 21.03
N SER A 289 -8.02 -14.05 21.17
CA SER A 289 -9.41 -13.61 21.38
C SER A 289 -10.02 -12.96 20.12
N SER A 290 -11.17 -13.47 19.67
CA SER A 290 -11.81 -12.94 18.47
C SER A 290 -12.32 -11.50 18.60
N THR A 291 -12.69 -11.07 19.82
CA THR A 291 -13.16 -9.69 19.98
C THR A 291 -12.01 -8.70 19.81
N GLU A 292 -10.80 -9.12 20.17
CA GLU A 292 -9.61 -8.27 20.04
C GLU A 292 -9.25 -8.15 18.55
N ALA A 293 -9.33 -9.26 17.83
CA ALA A 293 -9.01 -9.28 16.40
C ALA A 293 -10.03 -8.49 15.57
N GLN A 294 -11.31 -8.60 15.92
CA GLN A 294 -12.37 -7.91 15.20
C GLN A 294 -12.24 -6.39 15.21
N GLY A 295 -11.53 -5.85 16.20
CA GLY A 295 -11.35 -4.42 16.28
C GLY A 295 -10.56 -3.86 15.12
N PHE A 296 -9.78 -4.71 14.47
CA PHE A 296 -8.95 -4.30 13.34
C PHE A 296 -9.58 -4.52 11.96
N THR A 297 -10.82 -5.00 11.92
CA THR A 297 -11.53 -5.23 10.64
C THR A 297 -12.07 -3.88 10.10
N PRO A 298 -12.34 -3.80 8.79
CA PRO A 298 -12.86 -2.56 8.17
C PRO A 298 -14.00 -1.83 8.87
N GLY A 299 -15.04 -2.55 9.25
CA GLY A 299 -16.17 -1.92 9.91
C GLY A 299 -15.86 -1.24 11.22
N SER A 300 -14.86 -1.75 11.94
CA SER A 300 -14.47 -1.21 13.24
C SER A 300 -13.25 -0.31 13.24
N PHE A 301 -12.31 -0.52 12.31
CA PHE A 301 -11.07 0.25 12.26
C PHE A 301 -11.09 1.50 11.37
N ILE A 302 -11.85 1.45 10.26
CA ILE A 302 -11.94 2.59 9.35
C ILE A 302 -13.36 3.01 8.99
N ALA A 303 -14.32 2.74 9.89
CA ALA A 303 -15.72 3.11 9.68
C ALA A 303 -16.27 2.69 8.32
N GLY A 304 -15.91 1.49 7.87
CA GLY A 304 -16.32 0.99 6.57
C GLY A 304 -17.81 0.95 6.22
N GLY A 305 -18.67 0.75 7.21
CA GLY A 305 -20.09 0.70 6.91
C GLY A 305 -20.67 2.00 6.38
N SER A 306 -19.94 3.09 6.56
CA SER A 306 -20.38 4.41 6.12
C SER A 306 -19.97 4.82 4.70
N TRP A 307 -19.00 4.12 4.10
CA TRP A 307 -18.53 4.54 2.78
C TRP A 307 -18.07 3.49 1.76
N LEU A 308 -17.75 2.27 2.19
CA LEU A 308 -17.26 1.27 1.24
C LEU A 308 -18.24 0.90 0.12
N LYS A 309 -19.52 0.84 0.44
N LYS A 309 -19.52 0.85 0.45
CA LYS A 309 -20.53 0.50 -0.58
CA LYS A 309 -20.54 0.52 -0.54
C LYS A 309 -20.49 1.49 -1.74
C LYS A 309 -20.49 1.48 -1.75
N ALA A 310 -20.37 2.77 -1.43
CA ALA A 310 -20.34 3.81 -2.46
C ALA A 310 -19.08 3.87 -3.32
N THR A 311 -18.09 3.02 -3.06
CA THR A 311 -16.86 3.02 -3.86
C THR A 311 -17.05 2.24 -5.17
N THR A 312 -18.10 1.41 -5.21
CA THR A 312 -18.44 0.53 -6.33
C THR A 312 -17.55 -0.71 -6.39
N PHE A 313 -16.69 -0.89 -5.38
CA PHE A 313 -15.79 -2.06 -5.29
C PHE A 313 -16.29 -3.09 -4.27
N PRO A 314 -15.74 -4.33 -4.32
CA PRO A 314 -16.13 -5.39 -3.38
C PRO A 314 -15.52 -5.15 -1.98
N PHE A 315 -16.14 -5.72 -0.94
CA PHE A 315 -15.63 -5.57 0.43
C PHE A 315 -16.29 -6.49 1.45
N SER A 316 -15.63 -6.63 2.61
CA SER A 316 -16.13 -7.45 3.73
C SER A 316 -15.84 -6.64 5.00
N LEU A 317 -16.87 -6.41 5.83
CA LEU A 317 -16.72 -5.59 7.03
C LEU A 317 -16.17 -6.24 8.31
N GLY A 318 -16.36 -7.55 8.50
CA GLY A 318 -15.87 -8.18 9.71
C GLY A 318 -14.85 -9.30 9.53
N LEU A 319 -14.93 -10.32 10.39
CA LEU A 319 -14.03 -11.47 10.34
C LEU A 319 -14.50 -12.51 9.34
AS CAC B . 12.26 5.15 5.81
O1 CAC B . 12.96 3.92 4.99
O2 CAC B . 11.88 6.30 4.71
C1 CAC B . 10.68 4.55 6.68
C2 CAC B . 13.51 5.88 7.06
AS CAC C . -13.92 6.36 -30.63
O1 CAC C . -14.63 5.12 -29.83
O2 CAC C . -12.34 5.99 -30.72
C1 CAC C . -14.66 6.56 -32.36
C2 CAC C . -14.12 7.94 -29.60
#